data_3VAA
#
_entry.id   3VAA
#
_cell.length_a   61.253
_cell.length_b   46.460
_cell.length_c   105.124
_cell.angle_alpha   90.00
_cell.angle_beta   97.42
_cell.angle_gamma   90.00
#
_symmetry.space_group_name_H-M   'P 1 21 1'
#
loop_
_entity.id
_entity.type
_entity.pdbx_description
1 polymer 'Shikimate kinase'
2 non-polymer BETA-MERCAPTOETHANOL
3 non-polymer GLYCEROL
4 non-polymer DI(HYDROXYETHYL)ETHER
5 non-polymer 'SULFATE ION'
6 water water
#
_entity_poly.entity_id   1
_entity_poly.type   'polypeptide(L)'
_entity_poly.pdbx_seq_one_letter_code
;MHHHHHHSSGVDLGTENLYFQSNAMVRIFLTGYMGAGKTTLGKAFARKLNVPFIDLDWYIEERFHKTVGELFTERGEAGF
RELERNMLHEVAEFENVVISTGGGAPCFYDNMEFMNRTGKTVFLNVHPDVLFRRLRIAKQQRPILQGKEDDELMDFIIQA
LEKRAPFYTQAQYIFNADELEDRWQIESSVQRLQELLEL
;
_entity_poly.pdbx_strand_id   A,B,C
#
# COMPACT_ATOMS: atom_id res chain seq x y z
N ALA A 24 -10.15 -16.53 -17.11
CA ALA A 24 -9.34 -15.60 -16.29
C ALA A 24 -9.83 -14.15 -16.45
N MET A 25 -9.62 -13.36 -15.40
CA MET A 25 -10.02 -11.94 -15.38
C MET A 25 -9.28 -11.19 -16.49
N VAL A 26 -10.01 -10.34 -17.22
CA VAL A 26 -9.43 -9.55 -18.31
C VAL A 26 -9.30 -8.07 -17.97
N ARG A 27 -8.11 -7.51 -18.18
CA ARG A 27 -7.87 -6.07 -17.99
C ARG A 27 -6.86 -5.63 -19.05
N ILE A 28 -7.36 -4.91 -20.05
CA ILE A 28 -6.54 -4.45 -21.17
C ILE A 28 -6.43 -2.94 -21.21
N PHE A 29 -5.22 -2.42 -21.46
CA PHE A 29 -5.02 -0.97 -21.61
C PHE A 29 -4.58 -0.73 -23.06
N LEU A 30 -5.23 0.22 -23.74
CA LEU A 30 -4.85 0.57 -25.10
C LEU A 30 -4.20 1.95 -25.05
N THR A 31 -3.06 2.06 -25.73
CA THR A 31 -2.28 3.27 -25.78
C THR A 31 -1.94 3.59 -27.23
N GLY A 32 -1.61 4.84 -27.48
CA GLY A 32 -1.24 5.27 -28.82
C GLY A 32 -1.69 6.69 -29.08
N TYR A 33 -1.36 7.19 -30.27
CA TYR A 33 -1.64 8.57 -30.60
C TYR A 33 -3.07 8.78 -31.06
N MET A 34 -3.53 10.03 -31.06
CA MET A 34 -4.83 10.34 -31.64
C MET A 34 -4.85 9.84 -33.07
N GLY A 35 -5.97 9.23 -33.46
CA GLY A 35 -6.13 8.70 -34.80
C GLY A 35 -5.72 7.25 -34.94
N ALA A 36 -5.05 6.70 -33.92
CA ALA A 36 -4.57 5.29 -33.99
C ALA A 36 -5.66 4.25 -34.01
N GLY A 37 -6.83 4.60 -33.49
CA GLY A 37 -7.97 3.66 -33.44
C GLY A 37 -8.29 3.08 -32.08
N LYS A 38 -7.86 3.75 -31.00
CA LYS A 38 -8.12 3.26 -29.64
C LYS A 38 -9.61 3.06 -29.36
N THR A 39 -10.45 4.00 -29.81
CA THR A 39 -11.89 3.87 -29.60
C THR A 39 -12.48 2.81 -30.53
N THR A 40 -12.14 2.90 -31.80
CA THR A 40 -12.66 1.96 -32.80
C THR A 40 -12.31 0.50 -32.45
N LEU A 41 -11.02 0.23 -32.27
CA LEU A 41 -10.59 -1.12 -31.97
C LEU A 41 -10.99 -1.52 -30.56
N GLY A 42 -10.88 -0.59 -29.63
CA GLY A 42 -11.23 -0.84 -28.23
C GLY A 42 -12.66 -1.30 -28.05
N LYS A 43 -13.60 -0.54 -28.61
CA LYS A 43 -15.02 -0.90 -28.52
C LYS A 43 -15.32 -2.24 -29.20
N ALA A 44 -14.69 -2.49 -30.34
CA ALA A 44 -14.90 -3.75 -31.07
C ALA A 44 -14.28 -4.92 -30.32
N PHE A 45 -13.13 -4.68 -29.69
CA PHE A 45 -12.43 -5.71 -28.91
C PHE A 45 -13.25 -6.05 -27.69
N ALA A 46 -13.73 -5.02 -26.98
CA ALA A 46 -14.54 -5.23 -25.78
C ALA A 46 -15.81 -6.02 -26.11
N ARG A 47 -16.47 -5.62 -27.20
CA ARG A 47 -17.67 -6.33 -27.66
C ARG A 47 -17.37 -7.82 -27.88
N LYS A 48 -16.24 -8.10 -28.54
CA LYS A 48 -15.80 -9.46 -28.82
C LYS A 48 -15.57 -10.26 -27.52
N LEU A 49 -14.93 -9.62 -26.53
CA LEU A 49 -14.67 -10.25 -25.24
C LEU A 49 -15.88 -10.21 -24.31
N ASN A 50 -16.91 -9.47 -24.70
CA ASN A 50 -18.12 -9.27 -23.92
C ASN A 50 -17.82 -8.62 -22.56
N VAL A 51 -16.97 -7.60 -22.59
CA VAL A 51 -16.63 -6.82 -21.39
C VAL A 51 -16.88 -5.36 -21.75
N PRO A 52 -17.08 -4.50 -20.74
CA PRO A 52 -17.30 -3.09 -21.06
C PRO A 52 -16.04 -2.39 -21.53
N PHE A 53 -16.23 -1.31 -22.29
CA PHE A 53 -15.13 -0.47 -22.77
C PHE A 53 -15.19 0.85 -22.02
N ILE A 54 -14.05 1.27 -21.49
CA ILE A 54 -13.93 2.53 -20.76
C ILE A 54 -12.86 3.44 -21.40
N ASP A 55 -13.25 4.63 -21.79
CA ASP A 55 -12.32 5.65 -22.31
C ASP A 55 -11.93 6.49 -21.09
N LEU A 56 -10.65 6.53 -20.75
CA LEU A 56 -10.22 7.27 -19.56
C LEU A 56 -10.64 8.75 -19.57
N ASP A 57 -10.58 9.40 -20.72
CA ASP A 57 -11.03 10.80 -20.80
C ASP A 57 -12.49 10.94 -20.42
N TRP A 58 -13.32 9.99 -20.86
CA TRP A 58 -14.74 10.00 -20.49
C TRP A 58 -14.87 9.81 -18.98
N TYR A 59 -14.08 8.89 -18.43
CA TYR A 59 -14.13 8.61 -17.00
C TYR A 59 -13.77 9.85 -16.17
N ILE A 60 -12.74 10.55 -16.62
CA ILE A 60 -12.29 11.80 -16.01
C ILE A 60 -13.43 12.84 -16.00
N GLU A 61 -14.11 13.01 -17.14
CA GLU A 61 -15.20 13.98 -17.23
C GLU A 61 -16.36 13.63 -16.32
N GLU A 62 -16.66 12.33 -16.21
CA GLU A 62 -17.73 11.86 -15.30
C GLU A 62 -17.40 12.16 -13.82
N ARG A 63 -16.14 11.98 -13.45
CA ARG A 63 -15.74 12.21 -12.06
C ARG A 63 -15.68 13.65 -11.64
N PHE A 64 -15.26 14.52 -12.55
CA PHE A 64 -15.08 15.92 -12.19
C PHE A 64 -16.22 16.84 -12.65
N HIS A 65 -17.15 16.29 -13.44
CA HIS A 65 -18.26 17.06 -14.01
C HIS A 65 -17.73 18.31 -14.73
N LYS A 66 -16.62 18.10 -15.41
CA LYS A 66 -15.93 19.11 -16.18
C LYS A 66 -15.32 18.38 -17.34
N THR A 67 -15.27 19.02 -18.50
CA THR A 67 -14.62 18.40 -19.65
C THR A 67 -13.12 18.42 -19.46
N VAL A 68 -12.41 17.59 -20.24
CA VAL A 68 -10.94 17.60 -20.15
C VAL A 68 -10.36 18.96 -20.52
N GLY A 69 -10.99 19.68 -21.47
CA GLY A 69 -10.53 20.99 -21.84
C GLY A 69 -10.67 21.99 -20.70
N GLU A 70 -11.78 21.90 -19.98
CA GLU A 70 -12.00 22.77 -18.84
C GLU A 70 -10.97 22.50 -17.73
N LEU A 71 -10.68 21.23 -17.49
CA LEU A 71 -9.71 20.83 -16.47
C LEU A 71 -8.31 21.34 -16.80
N PHE A 72 -7.95 21.24 -18.07
CA PHE A 72 -6.64 21.69 -18.54
C PHE A 72 -6.48 23.21 -18.31
N THR A 73 -7.54 23.98 -18.61
CA THR A 73 -7.51 25.42 -18.42
C THR A 73 -7.54 25.78 -16.93
N GLU A 74 -8.37 25.08 -16.17
CA GLU A 74 -8.48 25.33 -14.73
C GLU A 74 -7.24 24.88 -13.93
N ARG A 75 -6.73 23.69 -14.23
CA ARG A 75 -5.62 23.10 -13.46
C ARG A 75 -4.23 23.24 -14.08
N GLY A 76 -4.16 23.50 -15.39
CA GLY A 76 -2.89 23.56 -16.10
C GLY A 76 -2.41 22.17 -16.49
N GLU A 77 -1.38 22.10 -17.32
CA GLU A 77 -0.82 20.82 -17.75
C GLU A 77 -0.51 19.91 -16.57
N ALA A 78 0.36 20.37 -15.66
CA ALA A 78 0.77 19.57 -14.52
C ALA A 78 -0.42 19.05 -13.71
N GLY A 79 -1.38 19.93 -13.44
CA GLY A 79 -2.55 19.57 -12.65
C GLY A 79 -3.42 18.57 -13.38
N PHE A 80 -3.61 18.77 -14.69
CA PHE A 80 -4.39 17.80 -15.43
C PHE A 80 -3.72 16.44 -15.46
N ARG A 81 -2.40 16.41 -15.65
CA ARG A 81 -1.69 15.12 -15.68
C ARG A 81 -1.74 14.38 -14.33
N GLU A 82 -1.72 15.13 -13.23
CA GLU A 82 -1.88 14.52 -11.89
C GLU A 82 -3.27 13.87 -11.78
N LEU A 83 -4.31 14.57 -12.21
CA LEU A 83 -5.64 14.00 -12.08
C LEU A 83 -5.82 12.79 -13.02
N GLU A 84 -5.23 12.86 -14.21
CA GLU A 84 -5.28 11.74 -15.14
C GLU A 84 -4.61 10.50 -14.54
N ARG A 85 -3.44 10.69 -13.94
CA ARG A 85 -2.76 9.61 -13.24
C ARG A 85 -3.64 9.01 -12.15
N ASN A 86 -4.26 9.86 -11.35
CA ASN A 86 -5.12 9.38 -10.29
C ASN A 86 -6.33 8.60 -10.82
N MET A 87 -6.91 9.05 -11.94
CA MET A 87 -8.03 8.35 -12.51
C MET A 87 -7.59 7.03 -13.17
N LEU A 88 -6.40 7.01 -13.75
CA LEU A 88 -5.82 5.77 -14.28
C LEU A 88 -5.74 4.74 -13.14
N HIS A 89 -5.29 5.18 -11.95
CA HIS A 89 -5.23 4.27 -10.81
C HIS A 89 -6.59 3.75 -10.38
N GLU A 90 -7.62 4.56 -10.52
CA GLU A 90 -8.97 4.13 -10.19
C GLU A 90 -9.47 3.07 -11.18
N VAL A 91 -9.32 3.34 -12.49
CA VAL A 91 -9.86 2.40 -13.49
C VAL A 91 -9.05 1.12 -13.51
N ALA A 92 -7.80 1.19 -13.09
CA ALA A 92 -6.94 0.01 -13.06
C ALA A 92 -7.41 -1.04 -12.03
N GLU A 93 -8.34 -0.65 -11.15
N GLU A 93 -8.33 -0.65 -11.15
CA GLU A 93 -8.87 -1.59 -10.17
CA GLU A 93 -8.90 -1.58 -10.17
C GLU A 93 -10.08 -2.36 -10.72
C GLU A 93 -10.02 -2.39 -10.77
N PHE A 94 -10.67 -1.88 -11.83
CA PHE A 94 -11.79 -2.59 -12.46
C PHE A 94 -11.34 -3.92 -13.06
N GLU A 95 -12.22 -4.92 -13.02
CA GLU A 95 -11.95 -6.25 -13.57
C GLU A 95 -12.85 -6.49 -14.77
N ASN A 96 -12.32 -7.20 -15.78
CA ASN A 96 -13.06 -7.53 -17.01
C ASN A 96 -13.47 -6.28 -17.74
N VAL A 97 -12.46 -5.62 -18.31
CA VAL A 97 -12.66 -4.34 -18.95
C VAL A 97 -11.55 -4.07 -19.98
N VAL A 98 -11.88 -3.26 -20.96
CA VAL A 98 -10.92 -2.76 -21.93
C VAL A 98 -10.89 -1.26 -21.69
N ILE A 99 -9.70 -0.73 -21.47
CA ILE A 99 -9.50 0.66 -21.13
C ILE A 99 -8.65 1.41 -22.14
N SER A 100 -9.20 2.46 -22.71
CA SER A 100 -8.47 3.31 -23.63
C SER A 100 -7.92 4.53 -22.85
N THR A 101 -6.68 4.91 -23.17
CA THR A 101 -6.03 6.02 -22.49
C THR A 101 -5.78 7.17 -23.48
N GLY A 102 -5.68 8.39 -22.97
CA GLY A 102 -5.39 9.54 -23.82
C GLY A 102 -3.99 9.42 -24.39
N GLY A 103 -3.74 10.10 -25.47
CA GLY A 103 -2.45 10.03 -26.15
C GLY A 103 -1.25 10.40 -25.33
N GLY A 104 -1.44 11.27 -24.35
CA GLY A 104 -0.34 11.73 -23.51
C GLY A 104 -0.12 10.97 -22.24
N ALA A 105 -1.14 10.21 -21.80
CA ALA A 105 -1.09 9.47 -20.56
C ALA A 105 0.20 8.65 -20.37
N PRO A 106 0.65 7.93 -21.40
CA PRO A 106 1.86 7.12 -21.19
C PRO A 106 3.15 7.88 -20.87
N CYS A 107 3.17 9.19 -21.08
CA CYS A 107 4.36 9.99 -20.92
C CYS A 107 4.64 10.51 -19.51
N PHE A 108 3.73 10.30 -18.60
CA PHE A 108 3.85 10.91 -17.27
C PHE A 108 3.87 9.93 -16.13
N TYR A 109 4.41 10.39 -15.00
CA TYR A 109 4.53 9.57 -13.79
C TYR A 109 5.13 8.21 -14.14
N ASP A 110 4.66 7.13 -13.51
CA ASP A 110 5.05 5.77 -13.89
C ASP A 110 3.86 5.13 -14.62
N ASN A 111 3.07 5.93 -15.33
CA ASN A 111 1.83 5.43 -15.94
C ASN A 111 2.00 4.19 -16.81
N MET A 112 3.03 4.17 -17.66
CA MET A 112 3.23 3.03 -18.56
C MET A 112 3.65 1.81 -17.76
N GLU A 113 4.58 2.00 -16.82
CA GLU A 113 5.06 0.91 -16.00
C GLU A 113 3.89 0.36 -15.17
N PHE A 114 3.03 1.25 -14.69
CA PHE A 114 1.87 0.88 -13.89
C PHE A 114 0.86 0.08 -14.69
N MET A 115 0.56 0.53 -15.89
CA MET A 115 -0.32 -0.20 -16.77
C MET A 115 0.28 -1.59 -17.08
N ASN A 116 1.59 -1.65 -17.37
CA ASN A 116 2.23 -2.93 -17.64
C ASN A 116 2.05 -3.92 -16.48
N ARG A 117 2.18 -3.45 -15.24
CA ARG A 117 2.05 -4.31 -14.06
C ARG A 117 0.62 -4.74 -13.75
N THR A 118 -0.36 -3.93 -14.11
CA THR A 118 -1.75 -4.19 -13.74
C THR A 118 -2.66 -4.79 -14.82
N GLY A 119 -2.24 -4.75 -16.08
CA GLY A 119 -3.05 -5.33 -17.14
C GLY A 119 -2.23 -5.52 -18.39
N LYS A 120 -2.86 -6.05 -19.44
CA LYS A 120 -2.20 -6.30 -20.72
C LYS A 120 -2.24 -4.97 -21.44
N THR A 121 -1.07 -4.41 -21.67
CA THR A 121 -0.94 -3.10 -22.26
C THR A 121 -0.51 -3.19 -23.72
N VAL A 122 -1.30 -2.57 -24.60
CA VAL A 122 -1.06 -2.62 -26.02
C VAL A 122 -0.81 -1.23 -26.61
N PHE A 123 0.24 -1.12 -27.41
CA PHE A 123 0.47 0.10 -28.18
C PHE A 123 -0.06 -0.12 -29.59
N LEU A 124 -1.05 0.70 -29.98
N LEU A 124 -1.02 0.72 -29.99
CA LEU A 124 -1.59 0.67 -31.34
CA LEU A 124 -1.60 0.66 -31.33
C LEU A 124 -0.64 1.47 -32.22
C LEU A 124 -0.68 1.46 -32.25
N ASN A 125 0.25 0.74 -32.87
CA ASN A 125 1.25 1.30 -33.74
C ASN A 125 0.64 1.52 -35.11
N VAL A 126 0.61 2.79 -35.51
CA VAL A 126 0.03 3.19 -36.80
C VAL A 126 1.02 4.05 -37.57
N HIS A 127 1.26 3.68 -38.81
CA HIS A 127 2.19 4.37 -39.67
C HIS A 127 1.72 5.81 -39.86
N PRO A 128 2.66 6.76 -39.89
CA PRO A 128 2.28 8.16 -40.05
C PRO A 128 1.46 8.46 -41.31
N ASP A 129 1.65 7.70 -42.40
CA ASP A 129 0.86 7.92 -43.61
C ASP A 129 -0.60 7.67 -43.30
N VAL A 130 -0.87 6.68 -42.45
CA VAL A 130 -2.23 6.33 -42.07
C VAL A 130 -2.76 7.33 -41.09
N LEU A 131 -1.93 7.74 -40.10
CA LEU A 131 -2.36 8.78 -39.15
C LEU A 131 -2.70 10.08 -39.89
N PHE A 132 -1.86 10.42 -40.88
CA PHE A 132 -2.04 11.60 -41.72
C PHE A 132 -3.41 11.57 -42.39
N ARG A 133 -3.70 10.48 -43.09
CA ARG A 133 -5.01 10.36 -43.74
C ARG A 133 -6.16 10.47 -42.75
N ARG A 134 -6.11 9.68 -41.69
CA ARG A 134 -7.19 9.68 -40.70
C ARG A 134 -7.42 11.02 -40.04
N LEU A 135 -6.34 11.71 -39.68
CA LEU A 135 -6.44 12.98 -38.98
C LEU A 135 -6.90 14.09 -39.93
N ARG A 136 -6.50 14.00 -41.19
CA ARG A 136 -6.97 14.95 -42.22
C ARG A 136 -8.48 14.89 -42.32
N ILE A 137 -8.98 13.66 -42.39
CA ILE A 137 -10.43 13.43 -42.51
C ILE A 137 -11.18 13.84 -41.25
N ALA A 138 -10.51 13.71 -40.11
CA ALA A 138 -11.08 14.09 -38.81
C ALA A 138 -10.54 15.45 -38.32
N LYS A 139 -10.01 16.26 -39.24
CA LYS A 139 -9.40 17.57 -38.90
C LYS A 139 -10.28 18.42 -37.99
N GLN A 140 -11.57 18.51 -38.32
CA GLN A 140 -12.52 19.32 -37.53
C GLN A 140 -12.58 18.89 -36.06
N GLN A 141 -12.36 17.60 -35.80
CA GLN A 141 -12.44 17.08 -34.44
C GLN A 141 -11.13 17.23 -33.65
N ARG A 142 -10.09 17.79 -34.28
CA ARG A 142 -8.77 17.92 -33.64
C ARG A 142 -8.27 19.35 -33.78
N PRO A 143 -8.68 20.23 -32.86
CA PRO A 143 -8.30 21.65 -32.91
C PRO A 143 -6.79 21.94 -32.99
N ILE A 144 -5.97 21.13 -32.32
CA ILE A 144 -4.52 21.34 -32.35
C ILE A 144 -3.96 21.30 -33.79
N LEU A 145 -4.64 20.64 -34.72
CA LEU A 145 -4.16 20.53 -36.12
C LEU A 145 -4.70 21.61 -37.06
N GLN A 146 -5.60 22.45 -36.55
CA GLN A 146 -6.25 23.45 -37.37
C GLN A 146 -5.23 24.32 -38.14
N GLY A 147 -5.43 24.45 -39.45
CA GLY A 147 -4.53 25.25 -40.28
C GLY A 147 -3.33 24.50 -40.85
N LYS A 148 -3.08 23.29 -40.36
CA LYS A 148 -1.92 22.52 -40.85
C LYS A 148 -2.32 21.63 -42.02
N GLU A 149 -1.55 21.73 -43.10
CA GLU A 149 -1.77 20.92 -44.29
C GLU A 149 -0.44 20.30 -44.79
N ASP A 150 -0.61 19.31 -45.65
CA ASP A 150 0.47 18.61 -46.32
C ASP A 150 1.70 18.41 -45.44
N ASP A 151 2.84 18.95 -45.87
CA ASP A 151 4.11 18.73 -45.16
C ASP A 151 4.09 19.24 -43.71
N GLU A 152 3.38 20.35 -43.46
CA GLU A 152 3.31 20.87 -42.11
C GLU A 152 2.58 19.89 -41.18
N LEU A 153 1.46 19.37 -41.64
CA LEU A 153 0.67 18.42 -40.86
C LEU A 153 1.45 17.12 -40.63
N MET A 154 2.05 16.60 -41.70
CA MET A 154 2.82 15.37 -41.59
C MET A 154 4.00 15.55 -40.62
N ASP A 155 4.73 16.66 -40.74
CA ASP A 155 5.86 16.92 -39.82
C ASP A 155 5.36 16.98 -38.38
N PHE A 156 4.18 17.57 -38.16
CA PHE A 156 3.62 17.68 -36.81
C PHE A 156 3.36 16.31 -36.16
N ILE A 157 2.74 15.42 -36.94
CA ILE A 157 2.47 14.05 -36.49
C ILE A 157 3.77 13.29 -36.21
N ILE A 158 4.68 13.32 -37.18
CA ILE A 158 5.95 12.61 -37.04
C ILE A 158 6.70 13.07 -35.81
N GLN A 159 6.75 14.37 -35.56
CA GLN A 159 7.46 14.89 -34.38
C GLN A 159 6.75 14.53 -33.08
N ALA A 160 5.42 14.56 -33.11
CA ALA A 160 4.67 14.18 -31.93
C ALA A 160 4.95 12.72 -31.56
N LEU A 161 5.01 11.84 -32.56
CA LEU A 161 5.30 10.44 -32.34
C LEU A 161 6.74 10.28 -31.82
N GLU A 162 7.66 11.10 -32.32
CA GLU A 162 9.06 11.05 -31.83
C GLU A 162 9.11 11.30 -30.32
N LYS A 163 8.32 12.27 -29.84
CA LYS A 163 8.33 12.58 -28.40
C LYS A 163 7.66 11.47 -27.60
N ARG A 164 6.59 10.91 -28.15
CA ARG A 164 5.83 9.87 -27.46
C ARG A 164 6.35 8.44 -27.58
N ALA A 165 7.02 8.12 -28.68
CA ALA A 165 7.55 6.77 -28.92
C ALA A 165 8.35 6.09 -27.78
N PRO A 166 9.25 6.83 -27.09
CA PRO A 166 9.98 6.17 -26.00
C PRO A 166 9.06 5.61 -24.90
N PHE A 167 7.84 6.12 -24.84
CA PHE A 167 6.86 5.68 -23.86
C PHE A 167 5.96 4.64 -24.47
N TYR A 168 5.40 4.95 -25.65
CA TYR A 168 4.52 4.00 -26.30
C TYR A 168 5.19 2.65 -26.51
N THR A 169 6.45 2.66 -26.91
CA THR A 169 7.18 1.41 -27.20
C THR A 169 7.51 0.56 -25.96
N GLN A 170 7.20 1.04 -24.76
CA GLN A 170 7.40 0.27 -23.55
C GLN A 170 6.20 -0.65 -23.27
N ALA A 171 5.14 -0.50 -24.06
CA ALA A 171 3.98 -1.38 -23.92
C ALA A 171 4.40 -2.83 -24.10
N GLN A 172 3.84 -3.73 -23.29
CA GLN A 172 4.14 -5.15 -23.41
C GLN A 172 3.85 -5.65 -24.81
N TYR A 173 2.75 -5.19 -25.40
CA TYR A 173 2.34 -5.63 -26.73
C TYR A 173 2.32 -4.48 -27.71
N ILE A 174 2.85 -4.72 -28.91
CA ILE A 174 2.84 -3.72 -29.98
C ILE A 174 2.03 -4.32 -31.13
N PHE A 175 0.96 -3.64 -31.49
CA PHE A 175 0.02 -4.11 -32.49
C PHE A 175 -0.14 -3.11 -33.62
N ASN A 176 -0.03 -3.60 -34.85
CA ASN A 176 -0.23 -2.73 -36.02
C ASN A 176 -1.72 -2.49 -36.22
N ALA A 177 -2.13 -1.23 -36.08
CA ALA A 177 -3.52 -0.84 -36.16
C ALA A 177 -3.80 -0.02 -37.44
N ASP A 178 -3.00 -0.26 -38.49
CA ASP A 178 -3.15 0.45 -39.77
C ASP A 178 -4.48 0.19 -40.44
N GLU A 179 -5.06 -0.98 -40.22
CA GLU A 179 -6.26 -1.38 -40.96
C GLU A 179 -7.48 -1.49 -40.09
N LEU A 180 -8.24 -0.40 -40.01
CA LEU A 180 -9.46 -0.34 -39.22
C LEU A 180 -10.51 0.45 -39.99
N GLU A 181 -10.41 0.37 -41.30
CA GLU A 181 -11.24 1.21 -42.17
C GLU A 181 -12.58 0.65 -42.67
N ASP A 182 -12.93 -0.58 -42.28
CA ASP A 182 -14.26 -1.17 -42.57
C ASP A 182 -14.52 -2.33 -41.59
N ARG A 183 -15.72 -2.90 -41.65
CA ARG A 183 -16.10 -3.99 -40.74
C ARG A 183 -15.20 -5.21 -40.84
N TRP A 184 -14.78 -5.55 -42.05
CA TRP A 184 -13.90 -6.70 -42.28
C TRP A 184 -12.55 -6.48 -41.61
N GLN A 185 -11.98 -5.29 -41.83
CA GLN A 185 -10.67 -4.94 -41.26
C GLN A 185 -10.72 -4.88 -39.74
N ILE A 186 -11.79 -4.32 -39.18
CA ILE A 186 -11.93 -4.22 -37.73
C ILE A 186 -12.05 -5.62 -37.15
N GLU A 187 -12.91 -6.46 -37.75
CA GLU A 187 -13.06 -7.84 -37.28
C GLU A 187 -11.75 -8.62 -37.35
N SER A 188 -11.00 -8.42 -38.44
CA SER A 188 -9.71 -9.07 -38.64
C SER A 188 -8.72 -8.64 -37.55
N SER A 189 -8.70 -7.35 -37.29
CA SER A 189 -7.82 -6.78 -36.29
C SER A 189 -8.16 -7.30 -34.90
N VAL A 190 -9.45 -7.31 -34.59
CA VAL A 190 -9.91 -7.86 -33.31
C VAL A 190 -9.41 -9.29 -33.13
N GLN A 191 -9.51 -10.11 -34.18
CA GLN A 191 -9.07 -11.51 -34.12
C GLN A 191 -7.56 -11.64 -33.92
N ARG A 192 -6.80 -10.81 -34.62
CA ARG A 192 -5.36 -10.83 -34.51
C ARG A 192 -4.91 -10.37 -33.11
N LEU A 193 -5.59 -9.36 -32.60
CA LEU A 193 -5.27 -8.83 -31.27
C LEU A 193 -5.59 -9.87 -30.19
N GLN A 194 -6.73 -10.52 -30.35
CA GLN A 194 -7.15 -11.56 -29.44
C GLN A 194 -6.12 -12.69 -29.42
N GLU A 195 -5.56 -13.02 -30.59
CA GLU A 195 -4.56 -14.07 -30.69
C GLU A 195 -3.25 -13.62 -30.02
N LEU A 196 -2.82 -12.39 -30.31
CA LEU A 196 -1.59 -11.84 -29.74
C LEU A 196 -1.62 -11.82 -28.21
N LEU A 197 -2.77 -11.44 -27.65
CA LEU A 197 -2.93 -11.38 -26.19
C LEU A 197 -3.25 -12.72 -25.54
N GLU A 198 -3.34 -13.76 -26.37
CA GLU A 198 -3.66 -15.12 -25.89
C GLU A 198 -4.99 -15.14 -25.16
N LEU A 199 -6.00 -14.60 -25.83
CA LEU A 199 -7.36 -14.56 -25.31
C LEU A 199 -8.27 -15.19 -26.34
N ALA B 24 -20.63 6.50 3.54
CA ALA B 24 -19.64 5.38 3.54
C ALA B 24 -18.55 5.65 4.57
N MET B 25 -18.06 4.59 5.21
CA MET B 25 -16.99 4.69 6.20
C MET B 25 -15.73 5.27 5.58
N VAL B 26 -15.18 6.27 6.24
CA VAL B 26 -13.98 6.98 5.77
C VAL B 26 -12.71 6.54 6.50
N ARG B 27 -11.69 6.15 5.76
CA ARG B 27 -10.37 5.89 6.37
C ARG B 27 -9.33 6.35 5.34
N ILE B 28 -8.75 7.50 5.60
CA ILE B 28 -7.79 8.13 4.71
C ILE B 28 -6.43 8.25 5.39
N PHE B 29 -5.39 7.82 4.66
CA PHE B 29 -4.02 7.94 5.10
C PHE B 29 -3.34 8.98 4.24
N LEU B 30 -2.76 9.96 4.90
CA LEU B 30 -1.97 11.00 4.23
C LEU B 30 -0.50 10.68 4.39
N THR B 31 0.19 10.68 3.27
CA THR B 31 1.62 10.43 3.23
C THR B 31 2.38 11.59 2.58
N GLY B 32 3.68 11.63 2.83
CA GLY B 32 4.57 12.65 2.28
C GLY B 32 5.62 13.05 3.30
N TYR B 33 6.46 13.98 2.90
CA TYR B 33 7.56 14.36 3.71
C TYR B 33 7.20 15.34 4.81
N MET B 34 8.10 15.52 5.75
CA MET B 34 7.90 16.54 6.75
C MET B 34 7.78 17.91 6.03
N GLY B 35 6.85 18.72 6.48
CA GLY B 35 6.57 19.99 5.88
C GLY B 35 5.62 19.95 4.70
N ALA B 36 5.15 18.77 4.32
CA ALA B 36 4.27 18.68 3.15
C ALA B 36 2.87 19.25 3.37
N GLY B 37 2.50 19.51 4.62
CA GLY B 37 1.15 20.03 4.89
C GLY B 37 0.16 18.98 5.33
N LYS B 38 0.67 17.81 5.73
CA LYS B 38 -0.19 16.73 6.18
C LYS B 38 -1.07 17.13 7.34
N THR B 39 -0.53 17.89 8.27
CA THR B 39 -1.35 18.32 9.39
C THR B 39 -2.24 19.53 9.04
N THR B 40 -1.73 20.52 8.32
CA THR B 40 -2.50 21.68 7.88
C THR B 40 -3.68 21.23 7.02
N LEU B 41 -3.39 20.51 5.96
CA LEU B 41 -4.46 20.07 5.06
C LEU B 41 -5.29 18.97 5.71
N GLY B 42 -4.63 18.07 6.42
CA GLY B 42 -5.30 16.98 7.08
C GLY B 42 -6.34 17.43 8.08
N LYS B 43 -5.98 18.38 8.93
CA LYS B 43 -6.90 18.87 9.94
C LYS B 43 -8.04 19.64 9.27
N ALA B 44 -7.72 20.44 8.27
CA ALA B 44 -8.75 21.21 7.55
C ALA B 44 -9.73 20.31 6.82
N PHE B 45 -9.20 19.24 6.23
CA PHE B 45 -9.99 18.28 5.51
C PHE B 45 -10.85 17.44 6.44
N ALA B 46 -10.26 16.94 7.52
CA ALA B 46 -11.00 16.15 8.52
C ALA B 46 -12.17 16.94 9.10
N ARG B 47 -11.94 18.21 9.39
N ARG B 47 -11.98 18.22 9.42
CA ARG B 47 -13.02 19.04 9.92
CA ARG B 47 -13.13 18.97 9.96
C ARG B 47 -14.21 19.15 8.96
C ARG B 47 -14.26 19.13 8.95
N LYS B 48 -13.91 19.28 7.67
CA LYS B 48 -14.93 19.39 6.61
C LYS B 48 -15.74 18.09 6.49
N LEU B 49 -15.06 16.96 6.67
CA LEU B 49 -15.69 15.64 6.60
C LEU B 49 -16.41 15.27 7.90
N ASN B 50 -16.17 16.07 8.93
CA ASN B 50 -16.69 15.84 10.25
C ASN B 50 -16.22 14.50 10.85
N VAL B 51 -14.94 14.19 10.68
CA VAL B 51 -14.31 13.01 11.26
C VAL B 51 -13.05 13.43 11.99
N PRO B 52 -12.62 12.65 13.00
CA PRO B 52 -11.39 12.99 13.69
C PRO B 52 -10.15 12.84 12.84
N PHE B 53 -9.14 13.62 13.20
CA PHE B 53 -7.82 13.58 12.63
C PHE B 53 -6.87 12.96 13.64
N ILE B 54 -6.04 12.04 13.14
CA ILE B 54 -4.97 11.46 13.95
C ILE B 54 -3.62 11.70 13.30
N ASP B 55 -2.70 12.36 14.03
CA ASP B 55 -1.32 12.56 13.57
C ASP B 55 -0.57 11.36 14.16
N LEU B 56 -0.13 10.44 13.34
CA LEU B 56 0.53 9.23 13.85
C LEU B 56 1.73 9.50 14.72
N ASP B 57 2.55 10.48 14.35
CA ASP B 57 3.69 10.83 15.19
C ASP B 57 3.24 11.29 16.58
N TRP B 58 2.20 12.12 16.64
CA TRP B 58 1.67 12.56 17.92
C TRP B 58 1.11 11.38 18.72
N TYR B 59 0.43 10.45 18.04
CA TYR B 59 -0.15 9.29 18.67
C TYR B 59 0.97 8.46 19.30
N ILE B 60 2.06 8.32 18.56
CA ILE B 60 3.24 7.63 19.08
C ILE B 60 3.81 8.32 20.32
N GLU B 61 4.02 9.62 20.23
CA GLU B 61 4.60 10.38 21.35
C GLU B 61 3.72 10.30 22.59
N GLU B 62 2.41 10.30 22.42
CA GLU B 62 1.47 10.21 23.54
C GLU B 62 1.54 8.85 24.22
N ARG B 63 1.70 7.80 23.41
CA ARG B 63 1.77 6.44 23.92
C ARG B 63 3.05 6.20 24.69
N PHE B 64 4.16 6.72 24.17
CA PHE B 64 5.47 6.42 24.71
C PHE B 64 6.05 7.51 25.59
N HIS B 65 5.32 8.61 25.71
CA HIS B 65 5.69 9.72 26.60
C HIS B 65 7.06 10.31 26.28
N LYS B 66 7.35 10.38 24.99
CA LYS B 66 8.53 11.08 24.52
C LYS B 66 8.47 11.35 23.09
N THR B 67 9.38 12.18 22.63
CA THR B 67 9.38 12.58 21.22
C THR B 67 9.80 11.47 20.29
N VAL B 68 9.35 11.54 19.03
CA VAL B 68 9.78 10.55 18.05
C VAL B 68 11.31 10.57 17.93
N GLY B 69 11.93 11.75 18.03
CA GLY B 69 13.40 11.83 17.98
C GLY B 69 14.07 11.09 19.12
N GLU B 70 13.49 11.24 20.31
CA GLU B 70 13.98 10.49 21.47
C GLU B 70 13.81 8.99 21.34
N LEU B 71 12.68 8.56 20.79
CA LEU B 71 12.45 7.13 20.61
C LEU B 71 13.43 6.57 19.59
N PHE B 72 13.71 7.35 18.54
CA PHE B 72 14.65 6.90 17.53
C PHE B 72 16.02 6.71 18.18
N THR B 73 16.42 7.68 18.99
CA THR B 73 17.70 7.58 19.67
C THR B 73 17.73 6.40 20.62
N GLU B 74 16.71 6.28 21.45
CA GLU B 74 16.65 5.19 22.43
C GLU B 74 16.55 3.78 21.82
N ARG B 75 15.66 3.60 20.87
CA ARG B 75 15.37 2.27 20.32
C ARG B 75 16.17 1.90 19.09
N GLY B 76 16.76 2.89 18.44
CA GLY B 76 17.46 2.70 17.18
C GLY B 76 16.44 2.75 16.04
N GLU B 77 16.93 2.82 14.80
N GLU B 77 16.94 2.79 14.81
CA GLU B 77 16.05 2.86 13.65
CA GLU B 77 16.07 2.86 13.66
C GLU B 77 15.10 1.66 13.57
C GLU B 77 15.10 1.67 13.58
N ALA B 78 15.66 0.46 13.67
CA ALA B 78 14.84 -0.77 13.62
C ALA B 78 13.75 -0.79 14.68
N GLY B 79 14.12 -0.50 15.93
CA GLY B 79 13.14 -0.46 17.01
C GLY B 79 12.08 0.60 16.82
N PHE B 80 12.49 1.79 16.39
CA PHE B 80 11.55 2.85 16.14
C PHE B 80 10.56 2.53 15.01
N ARG B 81 11.06 1.97 13.91
CA ARG B 81 10.17 1.67 12.81
C ARG B 81 9.18 0.57 13.16
N GLU B 82 9.62 -0.35 14.01
CA GLU B 82 8.73 -1.40 14.52
C GLU B 82 7.59 -0.78 15.33
N LEU B 83 7.88 0.13 16.26
N LEU B 83 7.96 0.14 16.21
CA LEU B 83 6.78 0.70 17.03
CA LEU B 83 7.02 0.85 17.05
C LEU B 83 5.90 1.60 16.16
C LEU B 83 5.99 1.62 16.22
N GLU B 84 6.49 2.29 15.18
CA GLU B 84 5.67 3.11 14.27
C GLU B 84 4.72 2.22 13.46
N ARG B 85 5.24 1.10 12.98
CA ARG B 85 4.42 0.15 12.26
C ARG B 85 3.28 -0.34 13.16
N ASN B 86 3.61 -0.66 14.40
CA ASN B 86 2.59 -1.15 15.36
C ASN B 86 1.51 -0.12 15.61
N MET B 87 1.91 1.14 15.74
CA MET B 87 0.93 2.19 15.94
C MET B 87 0.09 2.41 14.69
N LEU B 88 0.71 2.29 13.50
CA LEU B 88 -0.06 2.38 12.24
C LEU B 88 -1.14 1.33 12.23
N HIS B 89 -0.81 0.10 12.63
CA HIS B 89 -1.80 -0.97 12.63
C HIS B 89 -2.90 -0.72 13.64
N GLU B 90 -2.55 -0.14 14.78
CA GLU B 90 -3.53 0.17 15.78
C GLU B 90 -4.53 1.23 15.29
N VAL B 91 -4.04 2.34 14.77
CA VAL B 91 -4.93 3.39 14.27
C VAL B 91 -5.72 2.97 13.01
N ALA B 92 -5.19 2.05 12.20
CA ALA B 92 -5.87 1.59 11.00
C ALA B 92 -7.15 0.82 11.36
N GLU B 93 -7.31 0.43 12.63
CA GLU B 93 -8.53 -0.25 13.09
C GLU B 93 -9.68 0.73 13.21
N PHE B 94 -9.35 2.01 13.42
CA PHE B 94 -10.38 3.03 13.58
C PHE B 94 -11.17 3.27 12.32
N GLU B 95 -12.43 3.62 12.49
CA GLU B 95 -13.32 3.88 11.37
C GLU B 95 -13.71 5.35 11.40
N ASN B 96 -13.86 5.95 10.22
CA ASN B 96 -14.21 7.37 10.08
C ASN B 96 -13.13 8.24 10.70
N VAL B 97 -12.01 8.28 9.98
CA VAL B 97 -10.83 8.97 10.44
C VAL B 97 -9.93 9.39 9.27
N VAL B 98 -9.16 10.44 9.51
CA VAL B 98 -8.09 10.89 8.61
C VAL B 98 -6.81 10.74 9.42
N ILE B 99 -5.85 10.01 8.88
CA ILE B 99 -4.62 9.69 9.58
C ILE B 99 -3.43 10.21 8.82
N SER B 100 -2.62 11.03 9.48
N SER B 100 -2.63 11.09 9.42
CA SER B 100 -1.39 11.55 8.89
CA SER B 100 -1.41 11.48 8.76
C SER B 100 -0.18 10.72 9.37
C SER B 100 -0.33 10.54 9.29
N THR B 101 0.64 10.27 8.44
CA THR B 101 1.77 9.43 8.78
C THR B 101 3.06 10.20 8.70
N GLY B 102 4.05 9.75 9.47
CA GLY B 102 5.38 10.34 9.41
C GLY B 102 6.04 10.13 8.04
N GLY B 103 7.05 10.96 7.76
CA GLY B 103 7.71 10.98 6.47
C GLY B 103 8.35 9.69 6.02
N GLY B 104 8.78 8.88 6.97
CA GLY B 104 9.38 7.62 6.63
C GLY B 104 8.49 6.40 6.70
N ALA B 105 7.28 6.55 7.23
CA ALA B 105 6.41 5.41 7.45
C ALA B 105 6.20 4.55 6.19
N PRO B 106 6.04 5.19 5.01
CA PRO B 106 5.79 4.35 3.82
C PRO B 106 6.92 3.43 3.38
N CYS B 107 8.13 3.64 3.89
CA CYS B 107 9.28 2.87 3.44
C CYS B 107 9.53 1.53 4.09
N PHE B 108 8.87 1.27 5.21
CA PHE B 108 9.21 0.09 6.02
C PHE B 108 8.13 -0.99 6.06
N TYR B 109 8.55 -2.20 6.41
CA TYR B 109 7.67 -3.37 6.47
C TYR B 109 6.84 -3.37 5.18
N ASP B 110 5.57 -3.72 5.32
CA ASP B 110 4.61 -3.65 4.24
C ASP B 110 3.65 -2.49 4.51
N ASN B 111 4.15 -1.44 5.17
CA ASN B 111 3.29 -0.33 5.56
C ASN B 111 2.47 0.30 4.41
N MET B 112 3.11 0.50 3.27
CA MET B 112 2.44 1.13 2.14
C MET B 112 1.35 0.19 1.59
N GLU B 113 1.71 -1.07 1.42
N GLU B 113 1.66 -1.08 1.41
CA GLU B 113 0.77 -2.12 0.98
CA GLU B 113 0.63 -2.03 0.93
C GLU B 113 -0.43 -2.20 1.93
C GLU B 113 -0.49 -2.17 1.95
N PHE B 114 -0.12 -2.15 3.22
CA PHE B 114 -1.13 -2.24 4.27
C PHE B 114 -2.09 -1.06 4.22
N MET B 115 -1.55 0.14 4.10
CA MET B 115 -2.40 1.32 4.00
C MET B 115 -3.28 1.25 2.76
N ASN B 116 -2.67 0.84 1.65
CA ASN B 116 -3.43 0.69 0.40
C ASN B 116 -4.59 -0.32 0.50
N ARG B 117 -4.41 -1.38 1.29
CA ARG B 117 -5.46 -2.37 1.46
C ARG B 117 -6.56 -1.94 2.43
N THR B 118 -6.21 -1.11 3.41
CA THR B 118 -7.15 -0.75 4.48
C THR B 118 -7.82 0.63 4.36
N GLY B 119 -7.32 1.51 3.52
CA GLY B 119 -7.92 2.82 3.36
C GLY B 119 -7.55 3.46 2.04
N LYS B 120 -7.87 4.73 1.92
CA LYS B 120 -7.50 5.50 0.74
C LYS B 120 -6.21 6.23 1.06
N THR B 121 -5.22 6.12 0.18
CA THR B 121 -3.93 6.72 0.43
C THR B 121 -3.71 7.93 -0.48
N VAL B 122 -3.21 9.02 0.13
CA VAL B 122 -2.98 10.28 -0.58
C VAL B 122 -1.58 10.75 -0.27
N PHE B 123 -0.76 10.85 -1.30
CA PHE B 123 0.60 11.40 -1.18
C PHE B 123 0.56 12.89 -1.48
N LEU B 124 0.87 13.72 -0.47
N LEU B 124 0.91 13.69 -0.47
CA LEU B 124 0.92 15.17 -0.64
CA LEU B 124 1.03 15.13 -0.62
C LEU B 124 2.31 15.51 -1.22
C LEU B 124 2.38 15.38 -1.25
N ASN B 125 2.33 15.72 -2.53
CA ASN B 125 3.55 16.00 -3.31
C ASN B 125 3.85 17.50 -3.28
N VAL B 126 5.02 17.83 -2.74
CA VAL B 126 5.42 19.21 -2.55
C VAL B 126 6.83 19.42 -3.07
N HIS B 127 6.99 20.50 -3.80
N HIS B 127 7.01 20.41 -3.92
CA HIS B 127 8.28 20.87 -4.36
CA HIS B 127 8.35 20.66 -4.48
C HIS B 127 9.33 21.08 -3.26
C HIS B 127 9.31 21.05 -3.36
N PRO B 128 10.59 20.66 -3.49
CA PRO B 128 11.59 20.89 -2.45
C PRO B 128 11.77 22.32 -1.99
N ASP B 129 11.57 23.26 -2.91
N ASP B 129 11.61 23.29 -2.89
CA ASP B 129 11.68 24.63 -2.61
CA ASP B 129 11.75 24.69 -2.46
C ASP B 129 10.63 25.05 -1.55
C ASP B 129 10.61 25.11 -1.52
N VAL B 130 9.43 24.52 -1.68
CA VAL B 130 8.32 24.80 -0.78
C VAL B 130 8.59 24.11 0.58
N LEU B 131 9.04 22.86 0.56
CA LEU B 131 9.37 22.12 1.79
C LEU B 131 10.48 22.86 2.58
N PHE B 132 11.49 23.33 1.86
CA PHE B 132 12.59 24.05 2.48
C PHE B 132 12.06 25.28 3.24
N ARG B 133 11.29 26.10 2.54
CA ARG B 133 10.73 27.32 3.14
C ARG B 133 9.90 26.97 4.38
N ARG B 134 9.01 25.98 4.23
CA ARG B 134 8.17 25.55 5.34
C ARG B 134 8.90 25.01 6.56
N LEU B 135 9.92 24.20 6.32
CA LEU B 135 10.71 23.64 7.42
C LEU B 135 11.54 24.72 8.14
N ARG B 136 11.99 25.72 7.40
CA ARG B 136 12.72 26.85 8.01
C ARG B 136 11.81 27.75 8.87
N ILE B 137 10.57 27.91 8.44
CA ILE B 137 9.60 28.79 9.11
C ILE B 137 8.83 28.14 10.29
N ALA B 138 8.79 26.81 10.33
CA ALA B 138 8.05 26.05 11.36
C ALA B 138 8.21 26.60 12.79
N LYS B 139 7.09 26.76 13.50
CA LYS B 139 7.14 27.27 14.88
C LYS B 139 7.94 26.35 15.81
N GLN B 140 7.71 25.04 15.68
CA GLN B 140 8.44 24.06 16.48
C GLN B 140 9.54 23.46 15.60
N GLN B 141 10.73 24.03 15.72
CA GLN B 141 11.88 23.61 14.93
C GLN B 141 12.31 22.18 15.24
N ARG B 142 12.36 21.35 14.20
CA ARG B 142 12.75 19.94 14.32
C ARG B 142 14.25 19.76 14.59
N PRO B 143 14.59 19.05 15.68
CA PRO B 143 15.97 18.79 16.03
C PRO B 143 16.78 18.18 14.87
N ILE B 144 16.12 17.33 14.08
CA ILE B 144 16.77 16.69 12.94
C ILE B 144 17.44 17.74 12.02
N LEU B 145 16.77 18.88 11.86
CA LEU B 145 17.24 19.96 10.98
C LEU B 145 17.85 21.13 11.74
N GLN B 146 18.22 20.90 12.99
CA GLN B 146 18.74 21.94 13.87
C GLN B 146 19.91 22.76 13.28
N GLY B 147 21.11 22.18 13.27
CA GLY B 147 22.30 22.90 12.84
C GLY B 147 22.74 22.74 11.40
N LYS B 148 21.78 22.73 10.47
CA LYS B 148 22.09 22.61 9.06
C LYS B 148 22.01 23.95 8.36
N GLU B 149 23.00 24.28 7.54
CA GLU B 149 22.96 25.50 6.75
C GLU B 149 22.00 25.29 5.60
N ASP B 150 21.64 26.36 4.90
CA ASP B 150 20.65 26.28 3.81
C ASP B 150 21.01 25.28 2.69
N ASP B 151 22.26 25.25 2.23
CA ASP B 151 22.62 24.27 1.19
C ASP B 151 22.51 22.84 1.73
N GLU B 152 22.89 22.66 3.01
CA GLU B 152 22.82 21.35 3.65
C GLU B 152 21.38 20.89 3.85
N LEU B 153 20.50 21.80 4.27
CA LEU B 153 19.07 21.47 4.41
C LEU B 153 18.47 21.10 3.07
N MET B 154 18.78 21.87 2.03
CA MET B 154 18.20 21.56 0.72
C MET B 154 18.72 20.21 0.23
N ASP B 155 20.02 19.96 0.38
CA ASP B 155 20.59 18.67 -0.04
C ASP B 155 19.87 17.53 0.72
N PHE B 156 19.66 17.74 2.01
CA PHE B 156 19.03 16.73 2.89
C PHE B 156 17.62 16.39 2.43
N ILE B 157 16.84 17.42 2.15
CA ILE B 157 15.47 17.26 1.65
C ILE B 157 15.47 16.50 0.33
N ILE B 158 16.27 16.93 -0.63
CA ILE B 158 16.32 16.29 -1.95
C ILE B 158 16.69 14.82 -1.82
N GLN B 159 17.73 14.54 -1.05
CA GLN B 159 18.17 13.16 -0.86
C GLN B 159 17.06 12.30 -0.27
N ALA B 160 16.38 12.85 0.73
CA ALA B 160 15.30 12.14 1.39
C ALA B 160 14.16 11.89 0.42
N LEU B 161 13.76 12.89 -0.36
CA LEU B 161 12.70 12.71 -1.31
C LEU B 161 12.97 11.67 -2.37
N GLU B 162 14.21 11.61 -2.84
CA GLU B 162 14.55 10.66 -3.88
C GLU B 162 14.53 9.25 -3.35
N LYS B 163 14.90 9.07 -2.08
CA LYS B 163 14.88 7.76 -1.48
C LYS B 163 13.46 7.30 -1.22
N ARG B 164 12.59 8.23 -0.85
CA ARG B 164 11.20 7.91 -0.48
C ARG B 164 10.29 7.82 -1.70
N ALA B 165 10.71 8.39 -2.82
CA ALA B 165 9.88 8.42 -4.03
C ALA B 165 9.17 7.13 -4.46
N PRO B 166 9.91 6.02 -4.55
CA PRO B 166 9.24 4.80 -5.01
C PRO B 166 8.16 4.28 -4.05
N PHE B 167 8.18 4.72 -2.78
CA PHE B 167 7.16 4.34 -1.81
C PHE B 167 6.04 5.38 -1.85
N TYR B 168 6.38 6.67 -1.88
CA TYR B 168 5.35 7.68 -1.92
C TYR B 168 4.45 7.55 -3.12
N THR B 169 5.02 7.20 -4.27
CA THR B 169 4.25 7.10 -5.52
C THR B 169 3.33 5.87 -5.61
N GLN B 170 3.38 5.01 -4.59
CA GLN B 170 2.47 3.88 -4.49
CA GLN B 170 2.47 3.87 -4.51
C GLN B 170 1.09 4.29 -3.98
N ALA B 171 0.93 5.58 -3.62
CA ALA B 171 -0.37 6.05 -3.13
C ALA B 171 -1.42 5.97 -4.25
N GLN B 172 -2.65 5.74 -3.82
CA GLN B 172 -3.78 5.73 -4.75
C GLN B 172 -3.94 7.10 -5.40
N TYR B 173 -3.64 8.16 -4.65
CA TYR B 173 -3.79 9.52 -5.11
C TYR B 173 -2.56 10.35 -4.84
N ILE B 174 -2.10 11.06 -5.85
CA ILE B 174 -1.02 12.02 -5.69
C ILE B 174 -1.71 13.38 -5.74
N PHE B 175 -1.41 14.23 -4.77
CA PHE B 175 -2.08 15.51 -4.64
C PHE B 175 -1.08 16.61 -4.36
N ASN B 176 -1.00 17.58 -5.28
CA ASN B 176 -0.06 18.68 -5.10
C ASN B 176 -0.48 19.52 -3.89
N ALA B 177 0.43 19.67 -2.94
CA ALA B 177 0.17 20.43 -1.72
C ALA B 177 1.11 21.66 -1.58
N ASP B 178 1.54 22.21 -2.73
CA ASP B 178 2.43 23.38 -2.73
C ASP B 178 1.74 24.66 -2.21
N GLU B 179 0.43 24.75 -2.39
CA GLU B 179 -0.31 25.94 -2.00
C GLU B 179 -1.25 25.75 -0.81
N LEU B 180 -0.73 26.05 0.38
CA LEU B 180 -1.46 25.97 1.65
C LEU B 180 -1.06 27.16 2.52
N GLU B 181 -0.70 28.26 1.85
CA GLU B 181 -0.12 29.42 2.52
C GLU B 181 -1.06 30.54 2.97
N ASP B 182 -2.36 30.34 2.80
CA ASP B 182 -3.36 31.30 3.30
C ASP B 182 -4.73 30.64 3.33
N ARG B 183 -5.70 31.34 3.91
CA ARG B 183 -7.03 30.77 4.02
C ARG B 183 -7.61 30.36 2.66
N TRP B 184 -7.36 31.14 1.63
CA TRP B 184 -7.91 30.85 0.29
C TRP B 184 -7.35 29.56 -0.27
N GLN B 185 -6.04 29.39 -0.12
CA GLN B 185 -5.37 28.22 -0.66
C GLN B 185 -5.75 26.93 0.10
N ILE B 186 -5.88 27.02 1.42
CA ILE B 186 -6.27 25.84 2.21
C ILE B 186 -7.70 25.40 1.89
N GLU B 187 -8.61 26.37 1.79
CA GLU B 187 -10.00 26.04 1.51
C GLU B 187 -10.18 25.41 0.10
N SER B 188 -9.45 25.91 -0.88
CA SER B 188 -9.57 25.37 -2.23
C SER B 188 -8.95 23.97 -2.31
N SER B 189 -7.87 23.75 -1.56
CA SER B 189 -7.21 22.45 -1.50
C SER B 189 -8.16 21.42 -0.89
N VAL B 190 -8.83 21.79 0.20
CA VAL B 190 -9.79 20.89 0.85
C VAL B 190 -10.91 20.51 -0.14
N GLN B 191 -11.41 21.49 -0.88
CA GLN B 191 -12.46 21.24 -1.86
C GLN B 191 -11.96 20.32 -2.99
N ARG B 192 -10.72 20.51 -3.43
CA ARG B 192 -10.16 19.67 -4.48
C ARG B 192 -10.00 18.24 -3.99
N LEU B 193 -9.52 18.10 -2.77
CA LEU B 193 -9.31 16.77 -2.22
C LEU B 193 -10.69 16.07 -2.04
N GLN B 194 -11.71 16.80 -1.57
CA GLN B 194 -13.06 16.25 -1.43
C GLN B 194 -13.56 15.69 -2.77
N GLU B 195 -13.39 16.48 -3.81
CA GLU B 195 -13.85 16.13 -5.15
C GLU B 195 -13.12 14.90 -5.67
N LEU B 196 -11.82 14.88 -5.42
CA LEU B 196 -10.95 13.81 -5.86
C LEU B 196 -11.27 12.47 -5.21
N LEU B 197 -11.59 12.49 -3.93
CA LEU B 197 -11.89 11.27 -3.18
C LEU B 197 -13.38 10.90 -3.18
N GLU B 198 -14.21 11.71 -3.85
CA GLU B 198 -15.67 11.54 -3.86
C GLU B 198 -16.22 11.68 -2.44
N LEU B 199 -15.86 12.78 -1.78
CA LEU B 199 -16.28 13.06 -0.41
C LEU B 199 -16.73 14.53 -0.27
N ALA C 24 -13.38 -2.58 28.71
CA ALA C 24 -11.94 -2.86 28.96
C ALA C 24 -11.62 -4.37 28.89
N MET C 25 -12.43 -5.13 28.14
CA MET C 25 -12.21 -6.59 28.01
C MET C 25 -10.93 -6.84 27.21
N VAL C 26 -10.09 -7.73 27.72
CA VAL C 26 -8.82 -8.07 27.07
C VAL C 26 -8.83 -9.46 26.42
N ARG C 27 -8.43 -9.52 25.15
CA ARG C 27 -8.26 -10.80 24.46
C ARG C 27 -7.05 -10.66 23.58
N ILE C 28 -5.98 -11.30 24.00
CA ILE C 28 -4.71 -11.19 23.30
C ILE C 28 -4.28 -12.55 22.80
N PHE C 29 -3.97 -12.62 21.51
CA PHE C 29 -3.43 -13.81 20.87
C PHE C 29 -1.94 -13.59 20.63
N LEU C 30 -1.14 -14.56 21.07
CA LEU C 30 0.27 -14.50 20.85
C LEU C 30 0.61 -15.51 19.76
N THR C 31 1.38 -15.05 18.79
CA THR C 31 1.82 -15.90 17.66
C THR C 31 3.32 -15.86 17.51
N GLY C 32 3.85 -16.82 16.77
CA GLY C 32 5.27 -16.91 16.52
C GLY C 32 5.70 -18.36 16.45
N TYR C 33 6.98 -18.54 16.21
CA TYR C 33 7.56 -19.88 16.01
C TYR C 33 7.77 -20.63 17.34
N MET C 34 8.02 -21.93 17.24
CA MET C 34 8.37 -22.68 18.43
C MET C 34 9.66 -22.06 18.97
N GLY C 35 9.76 -21.94 20.29
CA GLY C 35 10.94 -21.36 20.92
C GLY C 35 10.89 -19.85 21.05
N ALA C 36 9.87 -19.23 20.49
CA ALA C 36 9.74 -17.77 20.54
C ALA C 36 9.50 -17.22 21.94
N GLY C 37 8.97 -18.02 22.85
CA GLY C 37 8.70 -17.56 24.20
C GLY C 37 7.24 -17.23 24.43
N LYS C 38 6.34 -17.81 23.64
CA LYS C 38 4.93 -17.52 23.81
C LYS C 38 4.41 -17.89 25.21
N THR C 39 4.81 -19.04 25.75
CA THR C 39 4.36 -19.41 27.09
C THR C 39 5.13 -18.65 28.17
N THR C 40 6.43 -18.44 27.98
CA THR C 40 7.25 -17.71 28.96
C THR C 40 6.76 -16.28 29.13
N LEU C 41 6.64 -15.58 28.03
CA LEU C 41 6.17 -14.19 28.05
C LEU C 41 4.67 -14.13 28.29
N GLY C 42 3.92 -15.01 27.66
CA GLY C 42 2.46 -15.03 27.79
C GLY C 42 1.98 -15.22 29.22
N LYS C 43 2.53 -16.23 29.90
CA LYS C 43 2.14 -16.49 31.27
C LYS C 43 2.52 -15.33 32.20
N ALA C 44 3.71 -14.77 32.01
CA ALA C 44 4.15 -13.65 32.84
C ALA C 44 3.30 -12.40 32.57
N PHE C 45 2.93 -12.18 31.30
CA PHE C 45 2.11 -11.02 30.92
C PHE C 45 0.69 -11.20 31.47
N ALA C 46 0.14 -12.40 31.35
CA ALA C 46 -1.20 -12.68 31.90
C ALA C 46 -1.22 -12.42 33.41
N ARG C 47 -0.18 -12.86 34.10
CA ARG C 47 -0.08 -12.66 35.54
C ARG C 47 -0.04 -11.19 35.91
N LYS C 48 0.71 -10.42 35.15
CA LYS C 48 0.82 -8.98 35.35
C LYS C 48 -0.56 -8.32 35.16
N LEU C 49 -1.32 -8.82 34.19
CA LEU C 49 -2.67 -8.30 33.90
C LEU C 49 -3.77 -8.90 34.77
N ASN C 50 -3.41 -9.90 35.57
CA ASN C 50 -4.38 -10.59 36.44
C ASN C 50 -5.48 -11.26 35.63
N VAL C 51 -5.07 -11.91 34.54
CA VAL C 51 -6.02 -12.68 33.73
C VAL C 51 -5.41 -14.07 33.49
N PRO C 52 -6.27 -15.07 33.16
CA PRO C 52 -5.80 -16.40 32.85
C PRO C 52 -5.00 -16.45 31.56
N PHE C 53 -4.18 -17.47 31.42
CA PHE C 53 -3.35 -17.71 30.24
C PHE C 53 -3.73 -19.06 29.72
N ILE C 54 -4.04 -19.16 28.44
CA ILE C 54 -4.36 -20.45 27.84
C ILE C 54 -3.47 -20.70 26.65
N ASP C 55 -2.79 -21.84 26.67
N ASP C 55 -2.72 -21.81 26.67
CA ASP C 55 -1.95 -22.28 25.61
CA ASP C 55 -1.92 -22.21 25.53
C ASP C 55 -2.82 -23.18 24.70
C ASP C 55 -2.81 -23.14 24.70
N LEU C 56 -3.03 -22.77 23.45
CA LEU C 56 -3.93 -23.54 22.54
C LEU C 56 -3.48 -25.00 22.37
N ASP C 57 -2.18 -25.20 22.18
CA ASP C 57 -1.64 -26.56 22.04
C ASP C 57 -1.91 -27.40 23.29
N TRP C 58 -1.70 -26.81 24.46
CA TRP C 58 -2.00 -27.49 25.73
C TRP C 58 -3.51 -27.87 25.80
N TYR C 59 -4.38 -26.96 25.38
CA TYR C 59 -5.82 -27.23 25.43
C TYR C 59 -6.18 -28.38 24.45
N ILE C 60 -5.59 -28.36 23.27
CA ILE C 60 -5.75 -29.44 22.29
C ILE C 60 -5.32 -30.77 22.92
N GLU C 61 -4.16 -30.78 23.58
CA GLU C 61 -3.68 -32.01 24.20
C GLU C 61 -4.58 -32.49 25.33
N GLU C 62 -5.16 -31.54 26.09
CA GLU C 62 -6.04 -31.91 27.18
C GLU C 62 -7.35 -32.50 26.61
N ARG C 63 -7.85 -31.91 25.54
CA ARG C 63 -9.13 -32.34 24.91
C ARG C 63 -9.01 -33.72 24.24
N PHE C 64 -7.92 -33.88 23.50
CA PHE C 64 -7.70 -35.08 22.69
C PHE C 64 -6.82 -36.18 23.27
N HIS C 65 -6.27 -35.96 24.46
CA HIS C 65 -5.54 -36.98 25.21
C HIS C 65 -4.31 -37.60 24.56
N LYS C 66 -3.59 -36.77 23.82
CA LYS C 66 -2.32 -37.14 23.22
C LYS C 66 -1.60 -35.85 22.82
N THR C 67 -0.32 -35.93 22.49
CA THR C 67 0.43 -34.74 22.16
C THR C 67 -0.03 -34.22 20.79
N VAL C 68 0.24 -32.93 20.52
CA VAL C 68 -0.09 -32.37 19.20
C VAL C 68 0.65 -33.15 18.09
N GLY C 69 1.87 -33.62 18.38
CA GLY C 69 2.61 -34.45 17.42
C GLY C 69 1.88 -35.75 17.12
N GLU C 70 1.41 -36.40 18.18
CA GLU C 70 0.66 -37.65 18.03
C GLU C 70 -0.67 -37.46 17.30
N LEU C 71 -1.31 -36.32 17.54
N LEU C 71 -1.33 -36.33 17.55
CA LEU C 71 -2.61 -36.04 16.91
CA LEU C 71 -2.59 -36.03 16.88
C LEU C 71 -2.41 -35.73 15.43
C LEU C 71 -2.36 -35.81 15.40
N PHE C 72 -1.28 -35.10 15.08
CA PHE C 72 -0.94 -34.82 13.67
C PHE C 72 -0.71 -36.16 12.96
N THR C 73 0.05 -37.03 13.61
CA THR C 73 0.34 -38.36 13.10
C THR C 73 -0.94 -39.19 12.89
N GLU C 74 -1.85 -39.13 13.85
CA GLU C 74 -3.11 -39.87 13.79
C GLU C 74 -4.10 -39.32 12.77
N ARG C 75 -4.26 -38.01 12.73
CA ARG C 75 -5.31 -37.39 11.92
C ARG C 75 -4.86 -36.82 10.59
N GLY C 76 -3.56 -36.69 10.39
CA GLY C 76 -3.03 -36.07 9.18
C GLY C 76 -3.01 -34.56 9.32
N GLU C 77 -2.34 -33.87 8.42
CA GLU C 77 -2.25 -32.42 8.50
C GLU C 77 -3.63 -31.76 8.52
N ALA C 78 -4.46 -32.07 7.53
CA ALA C 78 -5.79 -31.46 7.43
C ALA C 78 -6.65 -31.77 8.64
N GLY C 79 -6.67 -33.02 9.07
CA GLY C 79 -7.46 -33.39 10.23
C GLY C 79 -7.00 -32.60 11.46
N PHE C 80 -5.69 -32.52 11.65
CA PHE C 80 -5.14 -31.80 12.79
C PHE C 80 -5.39 -30.29 12.70
N ARG C 81 -5.19 -29.70 11.52
CA ARG C 81 -5.39 -28.24 11.42
C ARG C 81 -6.85 -27.86 11.56
N GLU C 82 -7.74 -28.76 11.15
CA GLU C 82 -9.16 -28.51 11.31
C GLU C 82 -9.55 -28.54 12.81
N LEU C 83 -9.00 -29.49 13.56
CA LEU C 83 -9.29 -29.55 15.00
C LEU C 83 -8.62 -28.38 15.71
N GLU C 84 -7.43 -28.01 15.26
CA GLU C 84 -6.74 -26.83 15.82
C GLU C 84 -7.63 -25.59 15.59
N ARG C 85 -8.15 -25.44 14.37
CA ARG C 85 -9.01 -24.31 14.05
C ARG C 85 -10.25 -24.30 14.93
N ASN C 86 -10.90 -25.45 15.08
CA ASN C 86 -12.06 -25.56 15.94
C ASN C 86 -11.76 -25.15 17.39
N MET C 87 -10.61 -25.58 17.91
CA MET C 87 -10.20 -25.23 19.27
C MET C 87 -9.91 -23.71 19.36
N LEU C 88 -9.34 -23.15 18.31
CA LEU C 88 -9.05 -21.72 18.26
C LEU C 88 -10.33 -20.96 18.41
N HIS C 89 -11.35 -21.39 17.67
CA HIS C 89 -12.64 -20.74 17.73
C HIS C 89 -13.26 -20.91 19.12
N GLU C 90 -12.99 -22.04 19.75
CA GLU C 90 -13.49 -22.28 21.09
C GLU C 90 -12.83 -21.35 22.13
N VAL C 91 -11.51 -21.29 22.13
N VAL C 91 -11.50 -21.31 22.12
CA VAL C 91 -10.81 -20.45 23.10
CA VAL C 91 -10.73 -20.48 23.06
C VAL C 91 -11.05 -18.98 22.84
C VAL C 91 -11.01 -19.00 22.83
N ALA C 92 -11.29 -18.63 21.57
CA ALA C 92 -11.58 -17.23 21.23
C ALA C 92 -12.87 -16.70 21.88
N GLU C 93 -13.71 -17.60 22.41
CA GLU C 93 -14.93 -17.22 23.13
C GLU C 93 -14.62 -16.69 24.52
N PHE C 94 -13.49 -17.09 25.08
CA PHE C 94 -13.11 -16.65 26.44
C PHE C 94 -12.88 -15.13 26.45
N GLU C 95 -13.23 -14.50 27.56
CA GLU C 95 -13.03 -13.06 27.73
C GLU C 95 -12.00 -12.81 28.82
N ASN C 96 -11.19 -11.77 28.66
CA ASN C 96 -10.12 -11.42 29.62
C ASN C 96 -9.17 -12.60 29.78
N VAL C 97 -8.35 -12.78 28.75
CA VAL C 97 -7.47 -13.92 28.65
C VAL C 97 -6.35 -13.59 27.67
N VAL C 98 -5.21 -14.24 27.88
CA VAL C 98 -4.08 -14.21 26.98
C VAL C 98 -4.01 -15.64 26.43
N ILE C 99 -3.96 -15.76 25.11
CA ILE C 99 -3.98 -17.05 24.42
C ILE C 99 -2.75 -17.20 23.57
N SER C 100 -2.02 -18.29 23.79
N SER C 100 -1.97 -18.26 23.79
CA SER C 100 -0.88 -18.62 22.97
CA SER C 100 -0.82 -18.53 22.92
C SER C 100 -1.36 -19.56 21.87
C SER C 100 -1.21 -19.62 21.93
N THR C 101 -0.75 -19.45 20.69
CA THR C 101 -1.10 -20.34 19.57
C THR C 101 0.13 -21.07 19.05
N GLY C 102 -0.11 -22.22 18.43
CA GLY C 102 1.01 -22.98 17.84
C GLY C 102 1.67 -22.30 16.69
N GLY C 103 2.91 -22.67 16.40
CA GLY C 103 3.70 -22.04 15.34
C GLY C 103 3.11 -22.04 13.96
N GLY C 104 2.29 -23.03 13.65
CA GLY C 104 1.67 -23.13 12.34
C GLY C 104 0.26 -22.59 12.21
N ALA C 105 -0.40 -22.36 13.35
CA ALA C 105 -1.78 -21.92 13.38
C ALA C 105 -2.07 -20.71 12.48
N PRO C 106 -1.19 -19.70 12.48
CA PRO C 106 -1.48 -18.54 11.59
C PRO C 106 -1.45 -18.83 10.09
N CYS C 107 -0.88 -19.97 9.68
CA CYS C 107 -0.75 -20.28 8.26
C CYS C 107 -1.93 -20.90 7.61
N PHE C 108 -2.87 -21.37 8.42
CA PHE C 108 -3.99 -22.15 7.93
C PHE C 108 -5.34 -21.46 7.93
N TYR C 109 -6.13 -21.82 6.93
CA TYR C 109 -7.46 -21.32 6.72
C TYR C 109 -7.52 -19.79 6.87
N ASP C 110 -8.51 -19.30 7.60
CA ASP C 110 -8.62 -17.88 7.87
C ASP C 110 -8.24 -17.61 9.32
N ASN C 111 -7.40 -18.46 9.92
CA ASN C 111 -7.04 -18.32 11.34
C ASN C 111 -6.49 -16.95 11.72
N MET C 112 -5.58 -16.41 10.90
CA MET C 112 -4.97 -15.12 11.23
C MET C 112 -6.02 -14.02 11.14
N GLU C 113 -6.84 -14.05 10.08
CA GLU C 113 -7.92 -13.09 9.92
C GLU C 113 -8.90 -13.16 11.09
N PHE C 114 -9.22 -14.39 11.51
CA PHE C 114 -10.13 -14.60 12.62
C PHE C 114 -9.57 -14.03 13.92
N MET C 115 -8.31 -14.33 14.21
CA MET C 115 -7.70 -13.75 15.40
C MET C 115 -7.72 -12.22 15.36
N ASN C 116 -7.42 -11.66 14.19
CA ASN C 116 -7.40 -10.22 14.03
C ASN C 116 -8.78 -9.58 14.27
N ARG C 117 -9.86 -10.29 13.93
CA ARG C 117 -11.20 -9.76 14.16
C ARG C 117 -11.67 -9.92 15.59
N THR C 118 -11.10 -10.86 16.35
CA THR C 118 -11.62 -11.17 17.69
C THR C 118 -10.76 -10.66 18.85
N GLY C 119 -9.52 -10.25 18.58
CA GLY C 119 -8.66 -9.70 19.63
C GLY C 119 -7.44 -8.99 19.08
N LYS C 120 -6.50 -8.69 19.96
CA LYS C 120 -5.23 -8.08 19.61
C LYS C 120 -4.23 -9.21 19.37
N THR C 121 -3.60 -9.20 18.23
CA THR C 121 -2.64 -10.20 17.85
C THR C 121 -1.22 -9.64 18.00
N VAL C 122 -0.37 -10.43 18.64
CA VAL C 122 1.02 -10.04 18.87
C VAL C 122 1.93 -11.17 18.37
N PHE C 123 2.75 -10.83 17.40
CA PHE C 123 3.77 -11.72 16.86
C PHE C 123 5.08 -11.53 17.62
N LEU C 124 5.54 -12.59 18.30
N LEU C 124 5.53 -12.59 18.30
CA LEU C 124 6.79 -12.57 19.04
CA LEU C 124 6.81 -12.58 19.00
C LEU C 124 7.90 -12.86 18.04
C LEU C 124 7.90 -12.86 18.00
N ASN C 125 8.55 -11.80 17.56
CA ASN C 125 9.64 -11.91 16.57
C ASN C 125 10.94 -12.20 17.29
N VAL C 126 11.61 -13.28 16.88
CA VAL C 126 12.84 -13.71 17.53
C VAL C 126 13.88 -14.05 16.48
N HIS C 127 15.09 -13.53 16.64
CA HIS C 127 16.16 -13.80 15.68
C HIS C 127 16.49 -15.31 15.64
N PRO C 128 16.80 -15.84 14.44
CA PRO C 128 17.16 -17.25 14.29
C PRO C 128 18.28 -17.69 15.24
N ASP C 129 19.25 -16.81 15.51
CA ASP C 129 20.36 -17.11 16.44
C ASP C 129 19.82 -17.47 17.84
N VAL C 130 18.82 -16.71 18.27
CA VAL C 130 18.19 -16.92 19.56
C VAL C 130 17.31 -18.18 19.58
N LEU C 131 16.49 -18.36 18.55
CA LEU C 131 15.61 -19.54 18.47
C LEU C 131 16.46 -20.80 18.52
N PHE C 132 17.55 -20.80 17.77
CA PHE C 132 18.48 -21.92 17.72
C PHE C 132 18.97 -22.27 19.13
N ARG C 133 19.40 -21.26 19.87
CA ARG C 133 19.91 -21.46 21.22
C ARG C 133 18.85 -22.05 22.15
N ARG C 134 17.62 -21.55 22.04
CA ARG C 134 16.50 -22.02 22.87
C ARG C 134 16.01 -23.43 22.52
N LEU C 135 15.91 -23.70 21.22
CA LEU C 135 15.45 -24.99 20.73
C LEU C 135 16.45 -26.11 21.02
N ARG C 136 17.74 -25.78 21.03
CA ARG C 136 18.78 -26.75 21.36
C ARG C 136 18.68 -27.24 22.80
N ILE C 137 18.33 -26.36 23.74
CA ILE C 137 18.23 -26.78 25.13
C ILE C 137 17.02 -27.71 25.30
N LEU C 145 12.52 -32.06 15.00
CA LEU C 145 13.81 -31.43 15.27
C LEU C 145 14.75 -32.37 16.00
N GLN C 146 14.33 -33.61 16.18
CA GLN C 146 15.13 -34.58 16.90
C GLN C 146 16.13 -35.24 15.95
N GLY C 147 17.41 -35.00 16.20
CA GLY C 147 18.49 -35.59 15.39
C GLY C 147 18.98 -34.73 14.24
N LYS C 148 18.95 -33.40 14.40
CA LYS C 148 19.45 -32.49 13.38
C LYS C 148 20.77 -31.87 13.85
N GLU C 149 21.70 -31.66 12.91
CA GLU C 149 23.00 -31.06 13.25
C GLU C 149 22.90 -29.54 13.27
N ASP C 150 23.74 -28.89 14.10
CA ASP C 150 23.76 -27.42 14.24
C ASP C 150 23.55 -26.71 12.91
N ASP C 151 24.30 -27.14 11.90
CA ASP C 151 24.24 -26.58 10.56
C ASP C 151 22.83 -26.72 9.98
N GLU C 152 22.31 -27.94 10.03
CA GLU C 152 20.99 -28.28 9.50
C GLU C 152 19.84 -27.64 10.29
N LEU C 153 20.01 -27.52 11.61
CA LEU C 153 18.96 -26.92 12.44
C LEU C 153 18.80 -25.44 12.12
N MET C 154 19.93 -24.75 11.94
CA MET C 154 19.87 -23.32 11.64
C MET C 154 19.17 -23.08 10.30
N ASP C 155 19.47 -23.90 9.29
CA ASP C 155 18.85 -23.76 7.98
CA ASP C 155 18.84 -23.75 7.98
C ASP C 155 17.35 -24.07 8.08
N PHE C 156 17.01 -25.06 8.91
CA PHE C 156 15.62 -25.46 9.11
C PHE C 156 14.78 -24.35 9.73
N ILE C 157 15.34 -23.67 10.73
CA ILE C 157 14.66 -22.56 11.37
C ILE C 157 14.45 -21.42 10.38
N ILE C 158 15.50 -21.08 9.64
CA ILE C 158 15.44 -20.00 8.66
C ILE C 158 14.38 -20.26 7.59
N GLN C 159 14.37 -21.46 7.05
CA GLN C 159 13.37 -21.87 6.06
C GLN C 159 11.94 -21.78 6.59
N ALA C 160 11.74 -22.22 7.82
CA ALA C 160 10.41 -22.18 8.44
C ALA C 160 9.94 -20.74 8.63
N LEU C 161 10.84 -19.87 9.10
CA LEU C 161 10.46 -18.47 9.31
C LEU C 161 10.10 -17.81 7.98
N GLU C 162 10.81 -18.17 6.90
CA GLU C 162 10.54 -17.61 5.58
C GLU C 162 9.11 -17.94 5.12
N LYS C 163 8.74 -19.19 5.30
CA LYS C 163 7.41 -19.65 4.90
C LYS C 163 6.30 -19.04 5.77
N ARG C 164 6.57 -18.87 7.06
CA ARG C 164 5.58 -18.33 8.00
C ARG C 164 5.46 -16.79 8.02
N ALA C 165 6.51 -16.11 7.56
CA ALA C 165 6.55 -14.64 7.57
C ALA C 165 5.30 -13.91 7.04
N PRO C 166 4.75 -14.33 5.89
CA PRO C 166 3.58 -13.61 5.37
C PRO C 166 2.35 -13.72 6.27
N PHE C 167 2.33 -14.71 7.15
CA PHE C 167 1.24 -14.89 8.08
C PHE C 167 1.55 -14.22 9.40
N TYR C 168 2.76 -14.45 9.91
CA TYR C 168 3.16 -13.84 11.18
C TYR C 168 3.06 -12.31 11.13
N THR C 169 3.49 -11.73 10.02
CA THR C 169 3.47 -10.26 9.89
C THR C 169 2.09 -9.64 9.68
N GLN C 170 1.04 -10.46 9.69
CA GLN C 170 -0.32 -9.95 9.67
C GLN C 170 -0.77 -9.55 11.09
N ALA C 171 0.09 -9.79 12.07
CA ALA C 171 -0.24 -9.41 13.45
C ALA C 171 -0.37 -7.90 13.57
N GLN C 172 -1.24 -7.48 14.48
CA GLN C 172 -1.39 -6.07 14.75
C GLN C 172 -0.12 -5.50 15.36
N TYR C 173 0.54 -6.29 16.20
CA TYR C 173 1.76 -5.85 16.83
C TYR C 173 2.87 -6.86 16.60
N ILE C 174 4.05 -6.34 16.23
CA ILE C 174 5.28 -7.15 16.16
C ILE C 174 6.11 -6.75 17.39
N PHE C 175 6.47 -7.75 18.21
CA PHE C 175 7.14 -7.50 19.47
C PHE C 175 8.41 -8.36 19.56
N ASN C 176 9.52 -7.70 19.85
CA ASN C 176 10.81 -8.40 19.94
C ASN C 176 10.87 -9.24 21.21
N ALA C 177 11.01 -10.54 21.04
CA ALA C 177 11.05 -11.46 22.18
C ALA C 177 12.39 -12.15 22.33
N ASP C 178 13.46 -11.49 21.89
CA ASP C 178 14.83 -12.02 21.97
C ASP C 178 15.38 -12.14 23.39
N GLU C 179 14.88 -11.32 24.32
CA GLU C 179 15.42 -11.32 25.67
C GLU C 179 14.43 -11.74 26.75
N LEU C 180 14.43 -13.03 27.04
CA LEU C 180 13.56 -13.66 28.05
C LEU C 180 14.39 -14.68 28.85
N GLU C 181 15.67 -14.38 29.02
CA GLU C 181 16.58 -15.37 29.60
C GLU C 181 16.72 -15.47 31.14
N ASP C 182 16.05 -14.58 31.87
CA ASP C 182 15.96 -14.64 33.34
C ASP C 182 14.71 -13.87 33.78
N ARG C 183 14.36 -13.95 35.06
CA ARG C 183 13.13 -13.29 35.53
C ARG C 183 13.13 -11.78 35.31
N TRP C 184 14.32 -11.16 35.33
CA TRP C 184 14.40 -9.72 35.13
C TRP C 184 14.17 -9.34 33.67
N GLN C 185 14.76 -10.09 32.74
CA GLN C 185 14.49 -9.84 31.31
C GLN C 185 13.03 -10.08 30.98
N ILE C 186 12.43 -11.08 31.64
CA ILE C 186 11.01 -11.38 31.42
C ILE C 186 10.18 -10.21 31.91
N GLU C 187 10.49 -9.71 33.11
CA GLU C 187 9.79 -8.57 33.68
C GLU C 187 9.91 -7.35 32.75
N SER C 188 11.12 -7.11 32.24
N SER C 188 11.11 -7.07 32.23
CA SER C 188 11.37 -6.00 31.33
CA SER C 188 11.26 -5.90 31.36
C SER C 188 10.47 -6.11 30.10
C SER C 188 10.48 -6.08 30.05
N SER C 189 10.44 -7.29 29.50
N SER C 189 10.39 -7.32 29.59
CA SER C 189 9.63 -7.54 28.31
CA SER C 189 9.67 -7.64 28.36
C SER C 189 8.15 -7.34 28.61
C SER C 189 8.18 -7.41 28.60
N VAL C 190 7.70 -7.87 29.74
CA VAL C 190 6.29 -7.68 30.13
C VAL C 190 5.97 -6.18 30.19
N GLN C 191 6.85 -5.40 30.81
CA GLN C 191 6.65 -3.97 30.95
C GLN C 191 6.62 -3.30 29.57
N ARG C 192 7.47 -3.72 28.66
CA ARG C 192 7.46 -3.15 27.29
C ARG C 192 6.20 -3.50 26.54
N LEU C 193 5.71 -4.72 26.72
CA LEU C 193 4.50 -5.16 26.02
C LEU C 193 3.31 -4.41 26.59
N GLN C 194 3.31 -4.20 27.90
CA GLN C 194 2.27 -3.38 28.55
C GLN C 194 2.24 -1.98 27.98
N GLU C 195 3.40 -1.37 27.84
CA GLU C 195 3.51 -0.03 27.34
C GLU C 195 2.95 0.05 25.91
N LEU C 196 3.38 -0.90 25.08
CA LEU C 196 2.99 -0.93 23.68
C LEU C 196 1.48 -1.04 23.48
N LEU C 197 0.86 -1.93 24.23
CA LEU C 197 -0.56 -2.22 24.10
C LEU C 197 -1.47 -1.29 24.90
N GLU C 198 -0.85 -0.48 25.75
CA GLU C 198 -1.53 0.47 26.63
C GLU C 198 -2.33 -0.37 27.64
N LEU C 199 -1.63 -1.33 28.24
CA LEU C 199 -2.20 -2.22 29.25
C LEU C 199 -1.30 -2.19 30.48
#